data_6FNU
#
_entry.id   6FNU
#
_cell.length_a   110.650
_cell.length_b   54.530
_cell.length_c   61.920
_cell.angle_alpha   90.000
_cell.angle_beta   90.000
_cell.angle_gamma   90.000
#
_symmetry.space_group_name_H-M   'P 21 21 2'
#
loop_
_entity.id
_entity.type
_entity.pdbx_description
1 polymer 'Methylenetetrahydrofolate reductase 1'
2 non-polymer 'FLAVIN-ADENINE DINUCLEOTIDE'
3 water water
#
_entity_poly.entity_id   1
_entity_poly.type   'polypeptide(L)'
_entity_poly.pdbx_seq_one_letter_code
;NLYFQSMSIRDLYHARASPFISLEFFPPKTELGTRNLMERMHRMTALDPLFITVTWGAGGTTAEKTLTLASLAQQTLNIP
VCMHLTCTNTEKAIIDDALDRCYNAGIRNILALRGDPPIGEDWLDSQSNESPFKYAVDLVRYIKQSYGDKFCVGVAAYPE
GHCEGEAEGHEQDPLKDLVYLKEKVEAGADFVITQLFYDVEKFLTFEMLFRERISQDLPLFPGLMPINSYLLFHRAAKLS
HASIPPAILSRFPPEIQSDDNAVKSIGVDILIELIQEIYQRTSGRIKGFHFYTLNLEKAIAQIVSQSP
;
_entity_poly.pdbx_strand_id   A
#
loop_
_chem_comp.id
_chem_comp.type
_chem_comp.name
_chem_comp.formula
FAD non-polymer 'FLAVIN-ADENINE DINUCLEOTIDE' 'C27 H33 N9 O15 P2'
#
# COMPACT_ATOMS: atom_id res chain seq x y z
N ASN A 1 24.67 -12.86 -6.59
CA ASN A 1 24.99 -11.67 -7.42
C ASN A 1 24.42 -11.79 -8.84
N LEU A 2 24.63 -12.97 -9.44
CA LEU A 2 24.16 -13.26 -10.81
C LEU A 2 22.65 -13.10 -11.01
N TYR A 3 21.85 -13.41 -9.99
CA TYR A 3 20.37 -13.44 -10.10
C TYR A 3 19.60 -12.21 -9.59
N PHE A 4 20.30 -11.26 -8.99
CA PHE A 4 19.66 -10.08 -8.38
C PHE A 4 19.01 -9.18 -9.45
N GLN A 5 17.74 -8.83 -9.23
CA GLN A 5 16.98 -7.95 -10.12
C GLN A 5 16.78 -6.61 -9.42
N SER A 6 17.47 -5.57 -9.89
CA SER A 6 17.50 -4.27 -9.18
C SER A 6 16.17 -3.50 -9.21
N MET A 7 15.23 -3.91 -10.06
CA MET A 7 13.91 -3.27 -10.12
C MET A 7 12.81 -4.04 -9.39
N SER A 8 13.13 -5.24 -8.88
CA SER A 8 12.15 -6.11 -8.17
C SER A 8 12.02 -5.74 -6.71
N ILE A 9 10.80 -5.41 -6.27
CA ILE A 9 10.56 -5.09 -4.86
C ILE A 9 10.95 -6.27 -3.94
N ARG A 10 10.67 -7.49 -4.37
CA ARG A 10 11.03 -8.68 -3.59
C ARG A 10 12.55 -8.78 -3.39
N ASP A 11 13.32 -8.71 -4.46
CA ASP A 11 14.79 -8.80 -4.36
C ASP A 11 15.38 -7.64 -3.56
N LEU A 12 14.85 -6.44 -3.77
CA LEU A 12 15.31 -5.25 -3.04
C LEU A 12 15.06 -5.40 -1.53
N TYR A 13 13.87 -5.90 -1.17
CA TYR A 13 13.51 -6.14 0.24
C TYR A 13 14.51 -7.07 0.95
N HIS A 14 14.78 -8.21 0.34
CA HIS A 14 15.63 -9.21 0.98
C HIS A 14 17.09 -8.74 1.08
N ALA A 15 17.53 -7.93 0.12
CA ALA A 15 18.93 -7.45 0.08
C ALA A 15 19.24 -6.42 1.17
N ARG A 16 18.21 -5.70 1.64
CA ARG A 16 18.44 -4.72 2.70
C ARG A 16 18.76 -5.32 4.07
N ALA A 17 19.87 -4.88 4.65
CA ALA A 17 20.23 -5.25 6.02
C ALA A 17 19.57 -4.31 7.02
N SER A 18 19.40 -3.05 6.63
CA SER A 18 18.83 -2.01 7.50
C SER A 18 17.35 -1.78 7.13
N PRO A 19 16.53 -1.29 8.11
CA PRO A 19 15.08 -1.00 7.89
C PRO A 19 14.82 0.23 7.03
N PHE A 20 13.60 0.30 6.51
CA PHE A 20 13.29 1.23 5.42
C PHE A 20 11.78 1.47 5.31
N ILE A 21 11.43 2.43 4.45
CA ILE A 21 10.05 2.83 4.19
C ILE A 21 9.67 2.73 2.72
N SER A 22 8.36 2.80 2.45
CA SER A 22 7.81 2.98 1.09
C SER A 22 6.66 4.01 1.19
N LEU A 23 6.28 4.60 0.05
CA LEU A 23 5.35 5.74 0.01
C LEU A 23 4.30 5.57 -1.09
N GLU A 24 3.02 5.75 -0.73
CA GLU A 24 1.88 5.70 -1.68
C GLU A 24 1.33 7.10 -1.95
N PHE A 25 1.20 7.43 -3.23
CA PHE A 25 0.67 8.71 -3.74
C PHE A 25 -0.56 8.45 -4.62
N PHE A 26 -1.39 9.51 -4.81
CA PHE A 26 -2.53 9.44 -5.75
C PHE A 26 -2.39 10.50 -6.87
N PRO A 27 -3.01 10.26 -8.06
CA PRO A 27 -2.94 11.26 -9.16
C PRO A 27 -3.80 12.51 -8.90
N PRO A 28 -3.18 13.71 -8.86
CA PRO A 28 -4.04 14.91 -8.75
C PRO A 28 -4.96 15.13 -9.96
N LYS A 29 -6.05 15.86 -9.72
CA LYS A 29 -7.06 16.09 -10.78
C LYS A 29 -6.69 17.19 -11.79
N THR A 30 -5.71 18.04 -11.48
CA THR A 30 -5.26 19.08 -12.42
CA THR A 30 -5.26 19.10 -12.39
C THR A 30 -3.79 18.95 -12.77
N GLU A 31 -3.41 19.53 -13.91
CA GLU A 31 -2.00 19.52 -14.34
C GLU A 31 -1.10 20.32 -13.39
N LEU A 32 -1.60 21.43 -12.85
CA LEU A 32 -0.85 22.21 -11.85
C LEU A 32 -0.61 21.38 -10.57
N GLY A 33 -1.67 20.73 -10.10
CA GLY A 33 -1.58 19.79 -8.96
C GLY A 33 -0.55 18.70 -9.18
N THR A 34 -0.50 18.18 -10.41
CA THR A 34 0.49 17.13 -10.78
C THR A 34 1.93 17.65 -10.77
N ARG A 35 2.15 18.85 -11.32
CA ARG A 35 3.47 19.50 -11.27
C ARG A 35 3.96 19.69 -9.83
N ASN A 36 3.07 20.17 -8.97
CA ASN A 36 3.38 20.37 -7.54
C ASN A 36 3.70 19.05 -6.81
N LEU A 37 2.93 18.00 -7.10
CA LEU A 37 3.20 16.68 -6.51
C LEU A 37 4.58 16.14 -6.92
N MET A 38 4.94 16.30 -8.20
CA MET A 38 6.28 15.84 -8.64
C MET A 38 7.41 16.52 -7.85
N GLU A 39 7.29 17.82 -7.59
CA GLU A 39 8.24 18.55 -6.71
C GLU A 39 8.30 17.94 -5.30
N ARG A 40 7.13 17.64 -4.74
CA ARG A 40 7.05 17.01 -3.42
C ARG A 40 7.69 15.60 -3.40
N MET A 41 7.39 14.78 -4.42
CA MET A 41 7.99 13.45 -4.56
C MET A 41 9.53 13.55 -4.59
N HIS A 42 10.04 14.49 -5.39
CA HIS A 42 11.50 14.77 -5.46
C HIS A 42 12.09 15.05 -4.07
N ARG A 43 11.45 15.90 -3.28
CA ARG A 43 11.92 16.17 -1.90
C ARG A 43 11.92 14.90 -1.03
N MET A 44 10.84 14.13 -1.12
CA MET A 44 10.67 12.92 -0.30
C MET A 44 11.63 11.77 -0.67
N THR A 45 12.29 11.82 -1.85
CA THR A 45 13.37 10.83 -2.13
C THR A 45 14.52 10.94 -1.14
N ALA A 46 14.69 12.08 -0.47
CA ALA A 46 15.66 12.21 0.63
C ALA A 46 15.38 11.29 1.85
N LEU A 47 14.15 10.76 1.96
CA LEU A 47 13.80 9.78 2.98
C LEU A 47 14.20 8.36 2.58
N ASP A 48 14.81 8.19 1.40
CA ASP A 48 15.29 6.88 0.91
C ASP A 48 14.20 5.80 0.87
N PRO A 49 13.06 6.07 0.21
CA PRO A 49 12.06 4.99 0.12
C PRO A 49 12.56 3.84 -0.78
N LEU A 50 12.21 2.61 -0.43
CA LEU A 50 12.57 1.43 -1.24
C LEU A 50 11.89 1.50 -2.62
N PHE A 51 10.63 1.96 -2.61
CA PHE A 51 9.82 2.16 -3.81
C PHE A 51 8.71 3.17 -3.49
N ILE A 52 8.06 3.67 -4.55
CA ILE A 52 6.88 4.55 -4.49
CA ILE A 52 6.82 4.46 -4.38
C ILE A 52 5.72 3.85 -5.21
N THR A 53 4.47 4.14 -4.82
CA THR A 53 3.30 3.60 -5.52
C THR A 53 2.34 4.70 -5.98
N VAL A 54 1.50 4.38 -6.97
CA VAL A 54 0.49 5.32 -7.50
C VAL A 54 -0.87 4.58 -7.62
N THR A 55 -1.88 5.15 -6.96
CA THR A 55 -3.22 4.52 -6.85
C THR A 55 -4.00 4.56 -8.18
N TRP A 56 -5.02 3.72 -8.28
CA TRP A 56 -5.80 3.47 -9.52
C TRP A 56 -7.30 3.47 -9.18
N GLY A 57 -8.06 4.34 -9.82
CA GLY A 57 -9.51 4.41 -9.57
C GLY A 57 -10.27 3.16 -10.02
N ALA A 58 -11.13 2.62 -9.15
CA ALA A 58 -11.90 1.40 -9.48
C ALA A 58 -12.72 1.60 -10.77
N GLY A 59 -12.71 0.57 -11.64
CA GLY A 59 -13.45 0.61 -12.91
C GLY A 59 -12.72 1.37 -14.02
N GLY A 60 -11.45 1.74 -13.77
CA GLY A 60 -10.65 2.51 -14.75
C GLY A 60 -10.86 4.02 -14.76
N THR A 61 -11.45 4.57 -13.70
CA THR A 61 -11.83 5.98 -13.67
C THR A 61 -10.64 6.97 -13.72
N THR A 62 -9.43 6.53 -13.34
CA THR A 62 -8.22 7.35 -13.41
C THR A 62 -7.13 6.71 -14.28
N ALA A 63 -7.51 5.86 -15.24
CA ALA A 63 -6.50 5.08 -15.98
C ALA A 63 -5.39 5.93 -16.63
N GLU A 64 -5.76 6.92 -17.43
CA GLU A 64 -4.77 7.76 -18.11
C GLU A 64 -3.90 8.55 -17.11
N LYS A 65 -4.53 9.17 -16.09
CA LYS A 65 -3.76 9.94 -15.10
C LYS A 65 -2.82 9.06 -14.27
N THR A 66 -3.26 7.85 -13.90
CA THR A 66 -2.40 6.92 -13.14
C THR A 66 -1.21 6.42 -13.99
N LEU A 67 -1.50 6.01 -15.22
CA LEU A 67 -0.45 5.48 -16.12
C LEU A 67 0.59 6.57 -16.42
N THR A 68 0.10 7.79 -16.66
CA THR A 68 0.98 8.92 -16.99
C THR A 68 1.91 9.28 -15.80
N LEU A 69 1.33 9.37 -14.61
CA LEU A 69 2.09 9.75 -13.40
C LEU A 69 3.10 8.66 -13.01
N ALA A 70 2.68 7.39 -13.05
CA ALA A 70 3.58 6.27 -12.71
C ALA A 70 4.81 6.26 -13.65
N SER A 71 4.57 6.42 -14.95
CA SER A 71 5.65 6.44 -15.93
CA SER A 71 5.66 6.44 -15.94
C SER A 71 6.58 7.65 -15.74
N LEU A 72 5.99 8.83 -15.58
CA LEU A 72 6.80 10.05 -15.34
C LEU A 72 7.68 9.94 -14.09
N ALA A 73 7.10 9.46 -12.98
CA ALA A 73 7.87 9.23 -11.75
C ALA A 73 9.02 8.24 -11.93
N GLN A 74 8.77 7.12 -12.62
CA GLN A 74 9.78 6.07 -12.90
CA GLN A 74 9.78 6.07 -12.90
C GLN A 74 10.93 6.65 -13.73
N GLN A 75 10.62 7.50 -14.70
CA GLN A 75 11.63 8.04 -15.61
C GLN A 75 12.51 9.11 -14.95
N THR A 76 11.97 9.87 -13.99
CA THR A 76 12.63 11.09 -13.49
C THR A 76 13.20 10.96 -12.06
N LEU A 77 12.59 10.14 -11.22
CA LEU A 77 12.98 10.02 -9.80
C LEU A 77 14.11 9.02 -9.56
N ASN A 78 14.34 8.08 -10.47
CA ASN A 78 15.35 7.03 -10.26
C ASN A 78 15.04 6.15 -9.04
N ILE A 79 13.76 5.81 -8.89
CA ILE A 79 13.28 4.94 -7.81
C ILE A 79 12.27 3.97 -8.44
N PRO A 80 12.24 2.67 -8.01
CA PRO A 80 11.21 1.78 -8.57
C PRO A 80 9.79 2.26 -8.23
N VAL A 81 8.91 2.25 -9.23
CA VAL A 81 7.49 2.60 -9.08
C VAL A 81 6.62 1.35 -9.21
N CYS A 82 5.66 1.22 -8.30
CA CYS A 82 4.66 0.16 -8.33
C CYS A 82 3.30 0.79 -8.64
N MET A 83 2.70 0.41 -9.76
CA MET A 83 1.37 0.94 -10.13
C MET A 83 0.29 0.05 -9.54
N HIS A 84 -0.71 0.65 -8.89
CA HIS A 84 -1.89 -0.10 -8.47
C HIS A 84 -2.75 -0.44 -9.72
N LEU A 85 -3.51 -1.53 -9.65
CA LEU A 85 -4.39 -1.96 -10.75
C LEU A 85 -5.55 -2.80 -10.21
N THR A 86 -6.78 -2.30 -10.33
CA THR A 86 -8.01 -3.02 -9.96
C THR A 86 -8.56 -3.73 -11.20
N CYS A 87 -9.30 -4.83 -11.01
CA CYS A 87 -9.72 -5.68 -12.16
C CYS A 87 -11.23 -5.83 -12.44
N THR A 88 -12.09 -5.62 -11.45
CA THR A 88 -13.54 -5.86 -11.69
C THR A 88 -14.16 -4.75 -12.54
N ASN A 89 -15.27 -5.07 -13.23
CA ASN A 89 -16.11 -4.07 -13.93
C ASN A 89 -15.33 -3.27 -14.99
N THR A 90 -14.38 -3.94 -15.63
CA THR A 90 -13.52 -3.33 -16.64
CA THR A 90 -13.44 -3.35 -16.58
C THR A 90 -13.23 -4.32 -17.75
N GLU A 91 -13.27 -3.80 -18.98
CA GLU A 91 -13.01 -4.64 -20.15
CA GLU A 91 -13.00 -4.60 -20.18
C GLU A 91 -11.55 -5.11 -20.15
N LYS A 92 -11.36 -6.37 -20.56
CA LYS A 92 -10.04 -6.98 -20.66
C LYS A 92 -9.05 -6.10 -21.44
N ALA A 93 -9.52 -5.47 -22.52
CA ALA A 93 -8.65 -4.58 -23.34
C ALA A 93 -8.01 -3.43 -22.55
N ILE A 94 -8.73 -2.89 -21.57
CA ILE A 94 -8.18 -1.80 -20.74
C ILE A 94 -7.05 -2.34 -19.83
N ILE A 95 -7.26 -3.51 -19.24
CA ILE A 95 -6.23 -4.17 -18.42
C ILE A 95 -4.99 -4.53 -19.25
N ASP A 96 -5.20 -5.11 -20.44
CA ASP A 96 -4.08 -5.41 -21.36
C ASP A 96 -3.27 -4.15 -21.76
N ASP A 97 -3.96 -3.06 -22.08
CA ASP A 97 -3.30 -1.79 -22.44
C ASP A 97 -2.48 -1.23 -21.28
N ALA A 98 -3.04 -1.28 -20.08
CA ALA A 98 -2.33 -0.80 -18.89
C ALA A 98 -1.03 -1.57 -18.63
N LEU A 99 -1.09 -2.90 -18.69
CA LEU A 99 0.11 -3.72 -18.49
C LEU A 99 1.16 -3.51 -19.60
N ASP A 100 0.71 -3.41 -20.85
CA ASP A 100 1.61 -3.15 -22.00
C ASP A 100 2.35 -1.81 -21.84
N ARG A 101 1.59 -0.77 -21.49
CA ARG A 101 2.20 0.56 -21.26
C ARG A 101 3.16 0.60 -20.09
N CYS A 102 2.82 -0.08 -18.98
CA CYS A 102 3.76 -0.18 -17.85
C CYS A 102 5.06 -0.88 -18.28
N TYR A 103 4.92 -2.02 -18.98
CA TYR A 103 6.08 -2.82 -19.39
C TYR A 103 7.03 -1.98 -20.25
N ASN A 104 6.46 -1.27 -21.24
CA ASN A 104 7.25 -0.41 -22.14
C ASN A 104 7.89 0.82 -21.49
N ALA A 105 7.30 1.30 -20.40
CA ALA A 105 7.83 2.43 -19.63
C ALA A 105 8.87 2.03 -18.58
N GLY A 106 9.16 0.74 -18.47
CA GLY A 106 10.11 0.24 -17.48
C GLY A 106 9.57 0.01 -16.08
N ILE A 107 8.24 0.01 -15.93
CA ILE A 107 7.58 -0.29 -14.64
C ILE A 107 7.60 -1.82 -14.48
N ARG A 108 8.16 -2.32 -13.37
CA ARG A 108 8.32 -3.76 -13.15
C ARG A 108 7.62 -4.27 -11.89
N ASN A 109 6.68 -3.50 -11.34
CA ASN A 109 5.94 -3.86 -10.12
C ASN A 109 4.48 -3.41 -10.26
N ILE A 110 3.54 -4.28 -9.88
CA ILE A 110 2.09 -4.00 -9.92
C ILE A 110 1.48 -4.45 -8.57
N LEU A 111 0.63 -3.60 -7.96
CA LEU A 111 -0.21 -4.00 -6.83
C LEU A 111 -1.58 -4.45 -7.40
N ALA A 112 -1.82 -5.77 -7.42
CA ALA A 112 -2.99 -6.38 -8.06
C ALA A 112 -4.14 -6.44 -7.08
N LEU A 113 -5.26 -5.78 -7.43
CA LEU A 113 -6.38 -5.53 -6.52
C LEU A 113 -7.71 -5.92 -7.17
N ARG A 114 -8.71 -6.25 -6.35
CA ARG A 114 -10.06 -6.47 -6.88
C ARG A 114 -10.70 -5.14 -7.34
N GLY A 115 -10.66 -4.12 -6.46
CA GLY A 115 -11.58 -2.98 -6.55
C GLY A 115 -12.92 -3.35 -5.96
N ASP A 116 -14.01 -2.82 -6.54
CA ASP A 116 -15.36 -3.06 -6.01
C ASP A 116 -15.87 -4.46 -6.36
N PRO A 117 -16.95 -4.91 -5.69
CA PRO A 117 -17.55 -6.18 -6.12
C PRO A 117 -18.00 -6.14 -7.58
N PRO A 118 -17.96 -7.29 -8.26
CA PRO A 118 -18.40 -7.32 -9.64
C PRO A 118 -19.89 -7.00 -9.75
N ILE A 119 -20.24 -6.23 -10.77
CA ILE A 119 -21.63 -6.01 -11.14
C ILE A 119 -21.75 -5.65 -12.62
N GLY A 120 -22.84 -6.08 -13.25
CA GLY A 120 -23.05 -5.86 -14.69
C GLY A 120 -24.10 -4.85 -15.08
N GLU A 121 -24.78 -5.11 -16.19
CA GLU A 121 -25.80 -4.23 -16.73
C GLU A 121 -27.14 -4.96 -16.77
N ASP A 122 -27.39 -5.79 -15.74
CA ASP A 122 -28.61 -6.61 -15.61
C ASP A 122 -28.99 -7.36 -16.92
N TRP A 123 -30.21 -7.24 -17.43
CA TRP A 123 -30.63 -8.00 -18.62
C TRP A 123 -29.86 -7.58 -19.90
N LEU A 124 -29.21 -6.41 -19.91
CA LEU A 124 -28.31 -6.06 -21.03
C LEU A 124 -27.12 -6.99 -21.18
N ASP A 125 -26.72 -7.68 -20.11
CA ASP A 125 -25.67 -8.76 -20.16
C ASP A 125 -25.96 -9.81 -21.22
N SER A 131 -17.04 -8.54 -18.23
CA SER A 131 -16.64 -8.31 -16.84
C SER A 131 -15.95 -9.53 -16.20
N PRO A 132 -14.94 -10.10 -16.90
CA PRO A 132 -14.47 -11.47 -16.60
C PRO A 132 -13.63 -11.68 -15.32
N PHE A 133 -13.13 -10.61 -14.70
CA PHE A 133 -12.42 -10.74 -13.43
C PHE A 133 -13.40 -10.56 -12.27
N LYS A 134 -13.34 -11.43 -11.27
CA LYS A 134 -14.22 -11.36 -10.08
C LYS A 134 -13.51 -11.08 -8.74
N TYR A 135 -12.28 -11.60 -8.60
CA TYR A 135 -11.47 -11.46 -7.38
C TYR A 135 -10.07 -11.03 -7.74
N ALA A 136 -9.32 -10.47 -6.77
CA ALA A 136 -7.91 -10.13 -7.01
C ALA A 136 -7.06 -11.29 -7.53
N VAL A 137 -7.32 -12.50 -7.02
CA VAL A 137 -6.56 -13.68 -7.48
C VAL A 137 -6.68 -13.90 -9.00
N ASP A 138 -7.82 -13.53 -9.59
CA ASP A 138 -7.98 -13.64 -11.05
C ASP A 138 -6.96 -12.76 -11.81
N LEU A 139 -6.70 -11.56 -11.29
CA LEU A 139 -5.68 -10.67 -11.86
C LEU A 139 -4.23 -11.16 -11.61
N VAL A 140 -3.95 -11.65 -10.41
CA VAL A 140 -2.62 -12.21 -10.10
C VAL A 140 -2.29 -13.33 -11.12
N ARG A 141 -3.24 -14.25 -11.30
CA ARG A 141 -3.00 -15.39 -12.22
C ARG A 141 -2.81 -14.88 -13.66
N TYR A 142 -3.62 -13.90 -14.06
CA TYR A 142 -3.55 -13.35 -15.42
C TYR A 142 -2.22 -12.63 -15.72
N ILE A 143 -1.75 -11.83 -14.76
CA ILE A 143 -0.45 -11.16 -14.91
C ILE A 143 0.68 -12.19 -15.04
N LYS A 144 0.69 -13.21 -14.18
CA LYS A 144 1.78 -14.20 -14.21
C LYS A 144 1.76 -15.05 -15.51
N GLN A 145 0.56 -15.36 -16.03
CA GLN A 145 0.36 -16.06 -17.31
CA GLN A 145 0.46 -16.09 -17.30
C GLN A 145 0.91 -15.24 -18.48
N SER A 146 0.65 -13.93 -18.44
CA SER A 146 0.98 -13.00 -19.53
C SER A 146 2.42 -12.48 -19.54
N TYR A 147 3.03 -12.36 -18.35
CA TYR A 147 4.36 -11.71 -18.18
C TYR A 147 5.38 -12.47 -17.33
N GLY A 148 4.99 -13.59 -16.71
CA GLY A 148 5.90 -14.31 -15.80
C GLY A 148 6.42 -13.41 -14.70
N ASP A 149 7.72 -13.42 -14.46
CA ASP A 149 8.38 -12.53 -13.48
C ASP A 149 8.77 -11.16 -13.98
N LYS A 150 8.39 -10.81 -15.21
CA LYS A 150 8.64 -9.46 -15.68
C LYS A 150 7.91 -8.44 -14.78
N PHE A 151 6.78 -8.82 -14.16
CA PHE A 151 6.20 -8.03 -13.06
C PHE A 151 6.31 -8.76 -11.73
N CYS A 152 6.82 -8.05 -10.72
CA CYS A 152 6.74 -8.43 -9.32
C CYS A 152 5.36 -7.94 -8.84
N VAL A 153 4.52 -8.87 -8.36
CA VAL A 153 3.09 -8.61 -8.04
C VAL A 153 2.84 -8.59 -6.53
N GLY A 154 2.31 -7.47 -6.05
CA GLY A 154 1.86 -7.34 -4.65
C GLY A 154 0.34 -7.51 -4.53
N VAL A 155 -0.11 -7.80 -3.31
CA VAL A 155 -1.53 -7.91 -2.99
C VAL A 155 -1.88 -7.30 -1.63
N ALA A 156 -3.18 -7.05 -1.44
CA ALA A 156 -3.71 -6.47 -0.19
C ALA A 156 -4.08 -7.51 0.89
N ALA A 157 -3.85 -7.13 2.14
CA ALA A 157 -4.23 -7.91 3.34
C ALA A 157 -4.94 -7.06 4.40
N TYR A 158 -5.70 -7.74 5.29
CA TYR A 158 -6.62 -7.11 6.26
C TYR A 158 -6.46 -7.73 7.67
N PRO A 159 -5.58 -7.16 8.51
CA PRO A 159 -5.38 -7.69 9.88
C PRO A 159 -6.64 -7.75 10.76
N GLU A 160 -7.58 -6.84 10.52
CA GLU A 160 -8.87 -6.80 11.21
C GLU A 160 -10.06 -7.31 10.37
N GLY A 161 -9.79 -7.88 9.20
CA GLY A 161 -10.80 -8.40 8.27
C GLY A 161 -11.34 -7.35 7.29
N HIS A 162 -11.57 -7.78 6.06
CA HIS A 162 -12.20 -6.93 5.03
C HIS A 162 -13.70 -6.72 5.31
N CYS A 163 -14.20 -5.52 5.02
CA CYS A 163 -15.63 -5.21 5.18
C CYS A 163 -16.15 -4.62 3.86
N GLU A 164 -17.24 -5.18 3.31
CA GLU A 164 -17.84 -4.60 2.09
C GLU A 164 -18.51 -3.26 2.41
N GLY A 165 -18.60 -2.39 1.42
CA GLY A 165 -19.13 -1.04 1.61
C GLY A 165 -20.63 -1.04 1.87
N GLN A 172 -16.78 -8.53 9.94
CA GLN A 172 -15.33 -8.57 9.78
C GLN A 172 -14.74 -9.83 10.36
N ASP A 173 -14.07 -10.63 9.52
CA ASP A 173 -13.43 -11.87 9.97
C ASP A 173 -11.99 -12.00 9.38
N PRO A 174 -10.95 -11.68 10.19
CA PRO A 174 -9.59 -11.84 9.61
C PRO A 174 -9.17 -13.26 9.24
N LEU A 175 -9.71 -14.27 9.92
CA LEU A 175 -9.43 -15.65 9.53
C LEU A 175 -9.99 -16.01 8.14
N LYS A 176 -11.18 -15.51 7.81
CA LYS A 176 -11.77 -15.67 6.47
C LYS A 176 -10.84 -15.13 5.40
N ASP A 177 -10.36 -13.91 5.60
CA ASP A 177 -9.48 -13.30 4.61
C ASP A 177 -8.10 -13.93 4.52
N LEU A 178 -7.63 -14.59 5.59
CA LEU A 178 -6.35 -15.32 5.52
C LEU A 178 -6.43 -16.51 4.55
N VAL A 179 -7.59 -17.13 4.45
CA VAL A 179 -7.84 -18.19 3.46
C VAL A 179 -7.65 -17.65 2.03
N TYR A 180 -8.29 -16.52 1.72
CA TYR A 180 -8.17 -15.90 0.39
C TYR A 180 -6.77 -15.36 0.11
N LEU A 181 -6.12 -14.83 1.14
CA LEU A 181 -4.74 -14.35 1.02
C LEU A 181 -3.80 -15.50 0.61
N LYS A 182 -3.99 -16.67 1.22
CA LYS A 182 -3.19 -17.85 0.87
C LYS A 182 -3.33 -18.19 -0.62
N GLU A 183 -4.57 -18.17 -1.15
CA GLU A 183 -4.82 -18.42 -2.59
CA GLU A 183 -4.80 -18.44 -2.58
C GLU A 183 -4.06 -17.42 -3.46
N LYS A 184 -4.04 -16.15 -3.06
CA LYS A 184 -3.31 -15.09 -3.81
C LYS A 184 -1.80 -15.34 -3.82
N VAL A 185 -1.25 -15.75 -2.68
CA VAL A 185 0.18 -16.10 -2.60
C VAL A 185 0.50 -17.35 -3.44
N GLU A 186 -0.34 -18.38 -3.36
CA GLU A 186 -0.11 -19.61 -4.16
C GLU A 186 -0.16 -19.33 -5.68
N ALA A 187 -0.95 -18.32 -6.08
CA ALA A 187 -1.08 -17.93 -7.49
C ALA A 187 0.11 -17.11 -7.99
N GLY A 188 1.00 -16.69 -7.09
CA GLY A 188 2.26 -16.04 -7.44
C GLY A 188 2.54 -14.65 -6.89
N ALA A 189 1.76 -14.16 -5.92
CA ALA A 189 2.07 -12.86 -5.31
C ALA A 189 3.43 -12.90 -4.62
N ASP A 190 4.20 -11.85 -4.82
CA ASP A 190 5.58 -11.70 -4.38
C ASP A 190 5.75 -10.85 -3.09
N PHE A 191 4.73 -10.04 -2.74
CA PHE A 191 4.72 -9.24 -1.53
C PHE A 191 3.28 -8.85 -1.16
N VAL A 192 3.10 -8.39 0.08
CA VAL A 192 1.77 -8.12 0.68
C VAL A 192 1.83 -6.78 1.41
N ILE A 193 0.82 -5.92 1.23
CA ILE A 193 0.69 -4.65 1.97
C ILE A 193 -0.65 -4.65 2.73
N THR A 194 -0.63 -4.24 4.01
CA THR A 194 -1.88 -4.24 4.81
C THR A 194 -2.68 -2.93 4.72
N GLN A 195 -4.00 -3.06 4.85
CA GLN A 195 -4.89 -1.95 5.27
C GLN A 195 -4.30 -1.23 6.51
N LEU A 196 -4.57 0.06 6.66
CA LEU A 196 -4.12 0.78 7.85
C LEU A 196 -4.68 0.18 9.15
N PHE A 197 -3.89 0.30 10.22
CA PHE A 197 -4.30 -0.08 11.59
C PHE A 197 -3.61 0.85 12.60
N TYR A 198 -4.22 0.98 13.78
CA TYR A 198 -3.67 1.64 14.95
C TYR A 198 -3.44 0.71 16.16
N ASP A 199 -4.01 -0.51 16.16
CA ASP A 199 -3.82 -1.48 17.26
C ASP A 199 -2.68 -2.43 16.87
N VAL A 200 -1.51 -2.20 17.46
CA VAL A 200 -0.32 -3.01 17.17
C VAL A 200 -0.54 -4.51 17.38
N GLU A 201 -1.36 -4.89 18.37
CA GLU A 201 -1.60 -6.31 18.63
C GLU A 201 -2.38 -7.01 17.52
N LYS A 202 -3.29 -6.29 16.84
CA LYS A 202 -4.02 -6.88 15.71
C LYS A 202 -3.07 -7.20 14.58
N PHE A 203 -2.13 -6.29 14.29
CA PHE A 203 -1.08 -6.56 13.31
C PHE A 203 -0.20 -7.75 13.73
N LEU A 204 0.24 -7.78 14.99
CA LEU A 204 1.18 -8.85 15.40
C LEU A 204 0.53 -10.24 15.42
N THR A 205 -0.73 -10.35 15.84
CA THR A 205 -1.44 -11.65 15.75
C THR A 205 -1.57 -12.11 14.28
N PHE A 206 -1.94 -11.17 13.41
CA PHE A 206 -1.98 -11.41 11.96
C PHE A 206 -0.63 -11.89 11.39
N GLU A 207 0.45 -11.21 11.77
CA GLU A 207 1.79 -11.56 11.24
C GLU A 207 2.20 -12.99 11.66
N MET A 208 1.87 -13.37 12.92
CA MET A 208 2.12 -14.74 13.44
CA MET A 208 2.16 -14.73 13.40
C MET A 208 1.35 -15.77 12.60
N LEU A 209 0.07 -15.50 12.36
CA LEU A 209 -0.76 -16.39 11.53
C LEU A 209 -0.24 -16.48 10.09
N PHE A 210 0.24 -15.35 9.57
CA PHE A 210 0.79 -15.30 8.19
C PHE A 210 2.02 -16.23 8.06
N ARG A 211 2.92 -16.13 9.04
CA ARG A 211 4.14 -16.94 9.02
C ARG A 211 3.86 -18.43 9.13
N GLU A 212 2.95 -18.81 10.02
CA GLU A 212 2.63 -20.21 10.26
C GLU A 212 1.84 -20.84 9.10
N ARG A 213 0.94 -20.07 8.49
CA ARG A 213 -0.03 -20.64 7.54
C ARG A 213 0.23 -20.33 6.07
N ILE A 214 1.02 -19.29 5.78
CA ILE A 214 1.20 -18.86 4.39
C ILE A 214 2.65 -18.88 3.94
N SER A 215 3.52 -18.13 4.61
CA SER A 215 4.95 -18.06 4.24
C SER A 215 5.86 -17.52 5.34
N GLN A 216 6.93 -18.25 5.64
CA GLN A 216 7.90 -17.79 6.63
C GLN A 216 8.70 -16.56 6.16
N ASP A 217 8.89 -16.40 4.84
CA ASP A 217 9.83 -15.43 4.26
CA ASP A 217 9.80 -15.35 4.37
C ASP A 217 9.22 -14.30 3.41
N LEU A 218 7.98 -14.46 2.95
CA LEU A 218 7.43 -13.47 1.99
C LEU A 218 7.44 -12.05 2.59
N PRO A 219 7.87 -11.02 1.82
CA PRO A 219 7.78 -9.63 2.36
C PRO A 219 6.36 -9.18 2.68
N LEU A 220 6.16 -8.74 3.92
CA LEU A 220 4.88 -8.23 4.43
C LEU A 220 5.08 -6.82 4.99
N PHE A 221 4.41 -5.83 4.40
CA PHE A 221 4.50 -4.43 4.81
C PHE A 221 3.26 -4.01 5.62
N PRO A 222 3.43 -3.60 6.88
CA PRO A 222 2.30 -2.86 7.48
C PRO A 222 2.05 -1.53 6.78
N GLY A 223 0.76 -1.24 6.51
CA GLY A 223 0.31 0.05 6.00
C GLY A 223 0.00 1.01 7.13
N LEU A 224 0.57 2.21 7.08
CA LEU A 224 0.45 3.17 8.19
C LEU A 224 -0.10 4.51 7.73
N MET A 225 -1.08 5.05 8.47
CA MET A 225 -1.69 6.35 8.21
C MET A 225 -1.27 7.32 9.31
N PRO A 226 -0.50 8.38 8.95
CA PRO A 226 -0.17 9.40 9.94
C PRO A 226 -1.41 10.10 10.50
N ILE A 227 -1.22 10.77 11.62
CA ILE A 227 -2.27 11.49 12.34
C ILE A 227 -2.10 12.99 12.01
N ASN A 228 -2.83 13.46 10.99
CA ASN A 228 -2.65 14.83 10.50
C ASN A 228 -3.54 15.86 11.21
N SER A 229 -4.62 15.40 11.83
CA SER A 229 -5.43 16.17 12.80
C SER A 229 -6.26 15.14 13.58
N TYR A 230 -6.89 15.59 14.67
CA TYR A 230 -7.70 14.66 15.47
C TYR A 230 -8.91 14.17 14.66
N LEU A 231 -9.56 15.08 13.96
CA LEU A 231 -10.72 14.70 13.15
C LEU A 231 -10.35 13.78 11.96
N LEU A 232 -9.22 14.06 11.31
CA LEU A 232 -8.76 13.25 10.17
C LEU A 232 -8.39 11.81 10.58
N PHE A 233 -7.79 11.68 11.76
CA PHE A 233 -7.41 10.41 12.38
C PHE A 233 -8.65 9.52 12.60
N HIS A 234 -9.66 10.10 13.25
CA HIS A 234 -10.91 9.39 13.47
C HIS A 234 -11.62 8.97 12.15
N ARG A 235 -11.57 9.85 11.15
CA ARG A 235 -12.16 9.59 9.83
CA ARG A 235 -12.16 9.59 9.83
C ARG A 235 -11.46 8.43 9.11
N ALA A 236 -10.14 8.41 9.15
CA ALA A 236 -9.38 7.31 8.52
C ALA A 236 -9.72 5.95 9.16
N ALA A 237 -9.78 5.93 10.49
CA ALA A 237 -10.17 4.71 11.22
C ALA A 237 -11.60 4.26 10.88
N LYS A 238 -12.52 5.22 10.82
CA LYS A 238 -13.93 4.93 10.43
C LYS A 238 -14.02 4.28 9.04
N LEU A 239 -13.39 4.93 8.05
CA LEU A 239 -13.48 4.48 6.66
C LEU A 239 -12.81 3.12 6.41
N SER A 240 -11.71 2.87 7.11
CA SER A 240 -10.99 1.59 6.99
C SER A 240 -11.51 0.46 7.87
N HIS A 241 -12.46 0.76 8.77
CA HIS A 241 -12.96 -0.16 9.81
C HIS A 241 -11.87 -0.63 10.79
N ALA A 242 -10.89 0.22 11.05
CA ALA A 242 -9.81 -0.05 11.98
C ALA A 242 -10.15 0.45 13.38
N SER A 243 -9.88 -0.37 14.40
CA SER A 243 -10.12 -0.01 15.80
C SER A 243 -9.00 0.87 16.38
N ILE A 244 -9.35 1.83 17.26
CA ILE A 244 -8.34 2.63 17.95
C ILE A 244 -8.30 2.17 19.41
N PRO A 245 -7.16 1.62 19.89
CA PRO A 245 -7.19 1.12 21.27
C PRO A 245 -7.34 2.21 22.34
N PRO A 246 -7.94 1.86 23.50
CA PRO A 246 -8.04 2.83 24.61
C PRO A 246 -6.72 3.49 25.01
N ALA A 247 -5.62 2.74 25.03
CA ALA A 247 -4.28 3.30 25.34
C ALA A 247 -3.83 4.42 24.41
N ILE A 248 -4.29 4.39 23.15
CA ILE A 248 -3.99 5.50 22.20
C ILE A 248 -4.98 6.66 22.41
N LEU A 249 -6.27 6.35 22.52
CA LEU A 249 -7.29 7.39 22.78
C LEU A 249 -7.00 8.22 24.05
N SER A 250 -6.45 7.58 25.09
CA SER A 250 -6.10 8.30 26.33
C SER A 250 -4.93 9.30 26.18
N ARG A 251 -4.16 9.21 25.09
CA ARG A 251 -3.12 10.18 24.77
C ARG A 251 -3.72 11.51 24.26
N PHE A 252 -5.02 11.51 23.92
CA PHE A 252 -5.72 12.69 23.40
C PHE A 252 -6.92 13.09 24.28
N PRO A 253 -6.65 13.58 25.52
CA PRO A 253 -7.74 14.09 26.35
C PRO A 253 -8.28 15.40 25.77
N PRO A 254 -9.43 15.89 26.27
CA PRO A 254 -10.08 17.07 25.66
C PRO A 254 -9.20 18.32 25.49
N GLU A 255 -8.36 18.59 26.49
CA GLU A 255 -7.41 19.71 26.45
C GLU A 255 -6.30 19.57 25.39
N ILE A 256 -6.05 18.34 24.92
CA ILE A 256 -5.14 18.08 23.81
CA ILE A 256 -5.15 18.06 23.80
C ILE A 256 -5.92 18.15 22.48
N GLN A 257 -7.10 17.55 22.44
CA GLN A 257 -7.95 17.53 21.21
C GLN A 257 -8.20 18.95 20.64
N SER A 258 -8.34 19.92 21.53
CA SER A 258 -8.59 21.32 21.15
C SER A 258 -7.37 22.08 20.63
N ASP A 259 -6.18 21.46 20.69
CA ASP A 259 -4.89 22.09 20.35
C ASP A 259 -4.26 21.30 19.20
N ASP A 260 -4.43 21.78 17.97
CA ASP A 260 -4.02 21.03 16.78
C ASP A 260 -2.51 20.76 16.73
N ASN A 261 -1.68 21.73 17.15
CA ASN A 261 -0.23 21.51 17.19
CA ASN A 261 -0.23 21.52 17.20
C ASN A 261 0.16 20.37 18.15
N ALA A 262 -0.49 20.29 19.31
CA ALA A 262 -0.23 19.21 20.26
C ALA A 262 -0.69 17.86 19.71
N VAL A 263 -1.86 17.82 19.05
CA VAL A 263 -2.34 16.60 18.41
C VAL A 263 -1.31 16.08 17.40
N LYS A 264 -0.78 16.98 16.58
CA LYS A 264 0.18 16.55 15.53
C LYS A 264 1.48 16.04 16.13
N SER A 265 1.97 16.72 17.15
CA SER A 265 3.21 16.30 17.83
C SER A 265 3.08 14.91 18.52
N ILE A 266 2.00 14.70 19.25
CA ILE A 266 1.72 13.41 19.89
C ILE A 266 1.50 12.32 18.81
N GLY A 267 0.85 12.69 17.72
CA GLY A 267 0.62 11.79 16.57
C GLY A 267 1.92 11.27 15.95
N VAL A 268 2.92 12.13 15.84
CA VAL A 268 4.27 11.70 15.41
C VAL A 268 4.81 10.65 16.39
N ASP A 269 4.70 10.91 17.68
CA ASP A 269 5.22 9.96 18.69
C ASP A 269 4.52 8.61 18.61
N ILE A 270 3.21 8.61 18.42
CA ILE A 270 2.43 7.37 18.31
C ILE A 270 2.90 6.50 17.11
N LEU A 271 3.12 7.13 15.96
CA LEU A 271 3.61 6.40 14.78
C LEU A 271 5.04 5.85 14.97
N ILE A 272 5.91 6.64 15.59
CA ILE A 272 7.28 6.18 15.91
C ILE A 272 7.22 4.96 16.82
N GLU A 273 6.38 5.02 17.85
CA GLU A 273 6.24 3.94 18.83
C GLU A 273 5.69 2.67 18.18
N LEU A 274 4.72 2.83 17.29
CA LEU A 274 4.14 1.71 16.56
C LEU A 274 5.19 0.96 15.72
N ILE A 275 5.97 1.74 14.97
CA ILE A 275 7.05 1.21 14.13
C ILE A 275 8.11 0.47 14.99
N GLN A 276 8.56 1.10 16.07
CA GLN A 276 9.60 0.50 16.93
C GLN A 276 9.12 -0.81 17.58
N GLU A 277 7.88 -0.83 18.05
CA GLU A 277 7.28 -2.04 18.67
CA GLU A 277 7.30 -2.03 18.66
C GLU A 277 7.19 -3.19 17.66
N ILE A 278 6.74 -2.91 16.44
CA ILE A 278 6.67 -3.94 15.38
C ILE A 278 8.04 -4.53 15.05
N TYR A 279 9.01 -3.65 14.81
CA TYR A 279 10.39 -4.12 14.49
C TYR A 279 10.97 -4.99 15.60
N GLN A 280 10.84 -4.55 16.85
CA GLN A 280 11.34 -5.32 18.01
C GLN A 280 10.59 -6.65 18.25
N ARG A 281 9.26 -6.59 18.26
CA ARG A 281 8.44 -7.77 18.57
C ARG A 281 8.54 -8.87 17.51
N THR A 282 8.82 -8.49 16.25
CA THR A 282 9.04 -9.46 15.18
C THR A 282 10.50 -9.86 14.96
N SER A 283 11.39 -9.49 15.88
CA SER A 283 12.81 -9.80 15.76
C SER A 283 13.39 -9.39 14.40
N GLY A 284 12.93 -8.24 13.90
CA GLY A 284 13.39 -7.73 12.63
C GLY A 284 12.84 -8.36 11.37
N ARG A 285 11.89 -9.32 11.47
CA ARG A 285 11.28 -9.89 10.26
C ARG A 285 10.58 -8.78 9.47
N ILE A 286 9.87 -7.89 10.19
CA ILE A 286 9.16 -6.76 9.54
C ILE A 286 10.12 -5.58 9.54
N LYS A 287 10.78 -5.38 8.40
CA LYS A 287 11.78 -4.32 8.29
C LYS A 287 11.43 -3.17 7.35
N GLY A 288 10.26 -3.29 6.69
CA GLY A 288 9.76 -2.29 5.76
C GLY A 288 8.40 -1.78 6.20
N PHE A 289 8.24 -0.45 6.15
CA PHE A 289 7.00 0.23 6.62
C PHE A 289 6.45 1.11 5.51
N HIS A 290 5.19 0.85 5.13
CA HIS A 290 4.51 1.53 3.98
C HIS A 290 3.59 2.64 4.48
N PHE A 291 3.78 3.86 3.97
CA PHE A 291 2.95 5.04 4.39
C PHE A 291 1.92 5.48 3.34
N TYR A 292 0.68 5.65 3.80
CA TYR A 292 -0.37 6.29 3.04
C TYR A 292 -0.19 7.83 3.15
N THR A 293 0.46 8.42 2.14
CA THR A 293 0.85 9.84 2.23
C THR A 293 -0.32 10.82 2.12
N LEU A 294 -1.36 10.42 1.39
CA LEU A 294 -2.39 11.36 0.88
C LEU A 294 -1.76 12.64 0.30
N ASN A 295 -0.61 12.46 -0.36
CA ASN A 295 0.13 13.54 -1.03
C ASN A 295 0.59 14.67 -0.08
N LEU A 296 0.89 14.32 1.17
CA LEU A 296 1.44 15.22 2.19
C LEU A 296 2.80 14.71 2.69
N GLU A 297 3.71 15.64 3.02
CA GLU A 297 5.10 15.26 3.40
C GLU A 297 5.51 15.48 4.85
N LYS A 298 4.94 16.47 5.52
CA LYS A 298 5.55 16.92 6.79
C LYS A 298 5.54 15.89 7.94
N ALA A 299 4.39 15.28 8.23
CA ALA A 299 4.32 14.27 9.29
C ALA A 299 5.27 13.09 9.06
N ILE A 300 5.31 12.59 7.82
CA ILE A 300 6.18 11.44 7.47
C ILE A 300 7.66 11.82 7.63
N ALA A 301 8.05 13.00 7.15
CA ALA A 301 9.43 13.46 7.35
C ALA A 301 9.83 13.53 8.83
N GLN A 302 8.90 13.92 9.71
CA GLN A 302 9.19 13.96 11.16
C GLN A 302 9.29 12.56 11.76
N ILE A 303 8.39 11.66 11.35
CA ILE A 303 8.40 10.28 11.83
C ILE A 303 9.73 9.62 11.50
N VAL A 304 10.21 9.83 10.27
CA VAL A 304 11.49 9.27 9.80
C VAL A 304 12.71 9.92 10.46
N SER A 305 12.68 11.23 10.65
CA SER A 305 13.86 11.96 11.19
C SER A 305 14.02 11.84 12.70
N GLN A 306 12.88 11.82 13.41
CA GLN A 306 12.89 11.66 14.88
C GLN A 306 13.01 10.20 15.40
N SER A 307 12.90 9.18 14.53
CA SER A 307 12.87 7.79 15.00
C SER A 307 14.24 7.31 15.47
PA FAD B . -9.80 -9.72 -2.75
O1A FAD B . -10.32 -10.25 -4.06
O2A FAD B . -8.51 -10.27 -2.20
O5B FAD B . -10.90 -9.94 -1.59
C5B FAD B . -12.07 -9.14 -1.44
C4B FAD B . -13.26 -9.98 -1.02
O4B FAD B . -13.64 -10.79 -2.12
C3B FAD B . -13.06 -10.92 0.16
O3B FAD B . -13.28 -10.28 1.42
C2B FAD B . -14.07 -12.00 -0.12
O2B FAD B . -15.38 -11.69 0.38
C1B FAD B . -14.13 -12.04 -1.64
N9A FAD B . -13.27 -13.12 -2.17
C8A FAD B . -11.97 -13.01 -2.55
N7A FAD B . -11.48 -14.18 -2.99
C5A FAD B . -12.49 -15.06 -2.89
C6A FAD B . -12.64 -16.48 -3.20
N6A FAD B . -11.58 -17.14 -3.70
N1A FAD B . -13.85 -17.06 -2.97
C2A FAD B . -14.89 -16.37 -2.47
N3A FAD B . -14.82 -15.05 -2.17
C4A FAD B . -13.65 -14.37 -2.36
N1 FAD B . -8.87 0.28 -4.15
C2 FAD B . -8.95 1.06 -5.26
O2 FAD B . -10.09 1.22 -5.82
N3 FAD B . -7.84 1.62 -5.80
C4 FAD B . -6.60 1.49 -5.28
O4 FAD B . -5.58 2.04 -5.79
C4X FAD B . -6.44 0.71 -4.04
N5 FAD B . -5.22 0.56 -3.45
C5X FAD B . -5.12 -0.23 -2.32
C6 FAD B . -3.90 -0.43 -1.69
C7 FAD B . -3.73 -1.21 -0.55
C7M FAD B . -2.34 -1.39 0.09
C8 FAD B . -4.92 -1.84 0.06
C8M FAD B . -4.81 -2.65 1.32
C9 FAD B . -6.18 -1.66 -0.57
C9A FAD B . -6.33 -0.89 -1.73
N10 FAD B . -7.60 -0.70 -2.36
C10 FAD B . -7.68 0.09 -3.51
C1' FAD B . -8.83 -1.26 -1.78
C2' FAD B . -9.29 -2.61 -2.33
O2' FAD B . -9.55 -2.50 -3.74
C3' FAD B . -10.57 -2.96 -1.55
O3' FAD B . -10.27 -3.25 -0.16
C4' FAD B . -11.39 -4.11 -2.19
O4' FAD B . -12.72 -4.11 -1.63
C5' FAD B . -10.83 -5.52 -2.01
O5' FAD B . -9.63 -5.67 -2.77
P FAD B . -8.71 -6.95 -2.60
O1P FAD B . -7.74 -6.88 -3.77
O2P FAD B . -8.20 -7.11 -1.20
O3P FAD B . -9.81 -8.11 -2.91
#